data_3BLL
#
_entry.id   3BLL
#
_cell.length_a   89.949
_cell.length_b   64.849
_cell.length_c   70.471
_cell.angle_alpha   90.00
_cell.angle_beta   95.56
_cell.angle_gamma   90.00
#
_symmetry.space_group_name_H-M   'C 1 2 1'
#
loop_
_entity.id
_entity.type
_entity.pdbx_description
1 polymer 'Queuine tRNA-ribosyltransferase'
2 non-polymer 'ZINC ION'
3 non-polymer 'tert-butyl [(2-amino-4-oxo-4,7-dihydro-3H-pyrrolo[2,3-d]pyrimidin-5-yl)methyl]carbamate'
4 non-polymer GLYCEROL
5 water water
#
_entity_poly.entity_id   1
_entity_poly.type   'polypeptide(L)'
_entity_poly.pdbx_seq_one_letter_code
;MVEATAQETDRPRFSFSIAAREGKARTGTIEMKRGVIRTPAFMPVGTAATVKALKPETVRATGADIILGNTYHLMLRPGA
ERIAKLGGLHSFMGWDRPILTDSGGFQVMSLSSLTKQSEEGVTFKSHLDGSRHMLSPERSIEIQHLLGSDIVMAFDEVTP
YPATPSRAASSMERSMRWAKRSRDAFDSRKEQAENAALFGIQQGSVFENLRQQSADALAEIGFDGYAVGGLSGGEGQDEM
FRVLDFSVPMLPDDKPHYLMGVGKPDDIVGAVERGIDMFDCVLPTRSGRNGQAFTWDGPINIRNARFSEDLKPLDSECHC
AVCQKWSRAYIHHLIRAGEILGAMLMTEHNIAFYQQLMQKIRDSISEGRFSQFAQDFRARYFARNS
;
_entity_poly.pdbx_strand_id   A
#
loop_
_chem_comp.id
_chem_comp.type
_chem_comp.name
_chem_comp.formula
BPQ non-polymer 'tert-butyl [(2-amino-4-oxo-4,7-dihydro-3H-pyrrolo[2,3-d]pyrimidin-5-yl)methyl]carbamate' 'C12 H17 N5 O3'
GOL non-polymer GLYCEROL 'C3 H8 O3'
ZN non-polymer 'ZINC ION' 'Zn 2'
#
# COMPACT_ATOMS: atom_id res chain seq x y z
N ARG A 11 -11.43 9.23 -18.81
CA ARG A 11 -10.45 9.47 -17.77
C ARG A 11 -9.04 9.49 -18.36
N PRO A 12 -8.22 10.33 -17.73
CA PRO A 12 -6.81 10.42 -18.06
C PRO A 12 -6.02 9.20 -17.61
N ARG A 13 -4.83 9.06 -18.15
CA ARG A 13 -3.83 8.11 -17.67
C ARG A 13 -3.59 8.30 -16.16
N PHE A 14 -3.38 9.55 -15.76
CA PHE A 14 -3.09 9.83 -14.36
C PHE A 14 -3.30 11.29 -14.06
N SER A 15 -4.15 11.55 -13.05
CA SER A 15 -4.34 12.92 -12.54
CA SER A 15 -4.29 12.91 -12.54
C SER A 15 -4.59 12.89 -11.05
N PHE A 16 -3.75 13.52 -10.25
CA PHE A 16 -3.93 13.65 -8.83
C PHE A 16 -4.40 15.06 -8.49
N SER A 17 -5.51 15.16 -7.83
CA SER A 17 -6.11 16.41 -7.41
CA SER A 17 -6.12 16.42 -7.42
C SER A 17 -6.27 16.44 -5.90
N ILE A 18 -5.82 17.48 -5.25
CA ILE A 18 -5.97 17.71 -3.83
C ILE A 18 -7.21 18.58 -3.58
N ALA A 19 -8.23 18.08 -2.92
CA ALA A 19 -9.49 18.77 -2.69
C ALA A 19 -9.48 19.52 -1.38
N ALA A 20 -8.69 19.08 -0.39
CA ALA A 20 -8.71 19.68 0.94
C ALA A 20 -7.43 19.33 1.68
N ARG A 21 -7.04 20.24 2.57
CA ARG A 21 -5.86 20.08 3.39
C ARG A 21 -6.14 20.45 4.83
N GLU A 22 -5.36 19.85 5.71
CA GLU A 22 -5.38 20.26 7.14
C GLU A 22 -3.96 20.03 7.66
N GLY A 23 -3.21 21.10 7.89
CA GLY A 23 -1.79 20.91 8.20
C GLY A 23 -1.10 20.21 7.04
N LYS A 24 -0.34 19.13 7.33
CA LYS A 24 0.31 18.35 6.29
C LYS A 24 -0.62 17.32 5.67
N ALA A 25 -1.77 17.09 6.24
CA ALA A 25 -2.70 16.09 5.71
C ALA A 25 -3.42 16.60 4.48
N ARG A 26 -3.68 15.72 3.51
CA ARG A 26 -4.39 16.03 2.29
C ARG A 26 -5.45 14.99 1.99
N THR A 27 -6.50 15.41 1.32
CA THR A 27 -7.47 14.43 0.79
C THR A 27 -7.77 14.84 -0.65
N GLY A 28 -7.96 13.83 -1.47
CA GLY A 28 -8.20 14.10 -2.89
C GLY A 28 -8.44 12.84 -3.67
N THR A 29 -8.14 12.85 -4.93
CA THR A 29 -8.44 11.78 -5.87
C THR A 29 -7.30 11.58 -6.86
N ILE A 30 -7.01 10.34 -7.13
CA ILE A 30 -6.24 9.97 -8.32
C ILE A 30 -7.14 9.41 -9.38
N GLU A 31 -7.22 10.03 -10.53
CA GLU A 31 -8.03 9.51 -11.62
C GLU A 31 -7.11 8.74 -12.57
N MET A 32 -7.52 7.56 -12.93
CA MET A 32 -6.82 6.72 -13.86
C MET A 32 -7.79 6.08 -14.84
N LYS A 33 -7.31 5.43 -15.88
CA LYS A 33 -8.22 4.88 -16.89
C LYS A 33 -9.16 3.85 -16.28
N ARG A 34 -8.72 3.03 -15.33
CA ARG A 34 -9.57 2.00 -14.75
CA ARG A 34 -9.58 1.99 -14.77
C ARG A 34 -10.38 2.47 -13.56
N GLY A 35 -10.27 3.72 -13.12
CA GLY A 35 -11.06 4.14 -12.01
C GLY A 35 -10.44 5.27 -11.21
N VAL A 36 -11.22 5.78 -10.26
CA VAL A 36 -10.83 6.83 -9.32
C VAL A 36 -10.40 6.21 -8.01
N ILE A 37 -9.31 6.71 -7.48
CA ILE A 37 -8.78 6.32 -6.17
C ILE A 37 -8.92 7.49 -5.19
N ARG A 38 -9.70 7.31 -4.15
CA ARG A 38 -9.88 8.31 -3.12
C ARG A 38 -8.69 8.27 -2.17
N THR A 39 -8.10 9.43 -1.85
CA THR A 39 -6.93 9.47 -0.99
C THR A 39 -7.24 10.28 0.26
N PRO A 40 -6.69 9.99 1.43
CA PRO A 40 -5.83 8.81 1.66
C PRO A 40 -6.47 7.46 1.45
N ALA A 41 -5.69 6.57 0.83
CA ALA A 41 -6.13 5.27 0.37
C ALA A 41 -5.43 4.12 1.09
N PHE A 42 -6.17 3.05 1.37
CA PHE A 42 -5.62 1.79 1.83
C PHE A 42 -5.83 0.77 0.73
N MET A 43 -4.77 0.08 0.38
CA MET A 43 -4.74 -0.95 -0.66
C MET A 43 -4.64 -2.34 -0.11
N PRO A 44 -5.68 -3.14 -0.17
CA PRO A 44 -5.58 -4.57 0.16
C PRO A 44 -4.52 -5.20 -0.73
N VAL A 45 -3.87 -6.23 -0.19
CA VAL A 45 -2.80 -6.91 -0.89
C VAL A 45 -3.27 -8.23 -1.46
N GLY A 46 -3.04 -8.38 -2.78
CA GLY A 46 -3.37 -9.59 -3.47
C GLY A 46 -2.15 -10.45 -3.74
N THR A 47 -1.65 -11.21 -2.78
N THR A 47 -1.82 -11.21 -2.69
CA THR A 47 -0.32 -11.82 -2.84
CA THR A 47 -0.69 -12.12 -2.89
C THR A 47 -0.07 -12.68 -4.09
C THR A 47 -1.30 -13.31 -3.66
N ALA A 48 -0.87 -13.72 -4.28
N ALA A 48 -0.54 -13.80 -4.65
CA ALA A 48 -0.74 -14.62 -5.43
CA ALA A 48 -1.01 -14.93 -5.44
C ALA A 48 -1.97 -14.50 -6.32
C ALA A 48 -2.15 -14.56 -6.35
N ALA A 49 -2.32 -13.30 -6.75
CA ALA A 49 -3.44 -12.94 -7.64
C ALA A 49 -4.76 -13.20 -6.95
N THR A 50 -4.78 -12.96 -5.65
CA THR A 50 -6.04 -13.02 -4.91
C THR A 50 -5.83 -12.24 -3.63
N VAL A 51 -6.81 -11.45 -3.22
CA VAL A 51 -6.88 -10.88 -1.87
C VAL A 51 -7.38 -12.03 -1.00
N LYS A 52 -6.64 -12.46 0.00
CA LYS A 52 -6.91 -13.69 0.73
C LYS A 52 -8.35 -13.80 1.17
N ALA A 53 -8.96 -14.90 0.77
CA ALA A 53 -10.24 -15.33 1.19
C ALA A 53 -11.37 -14.44 0.72
N LEU A 54 -11.15 -13.55 -0.22
CA LEU A 54 -12.23 -12.70 -0.73
C LEU A 54 -12.30 -12.72 -2.26
N LYS A 55 -13.53 -12.82 -2.76
CA LYS A 55 -13.84 -12.49 -4.14
C LYS A 55 -13.60 -11.02 -4.40
N PRO A 56 -13.16 -10.66 -5.60
CA PRO A 56 -12.98 -9.23 -5.91
C PRO A 56 -14.23 -8.39 -5.65
N GLU A 57 -15.42 -8.94 -5.89
CA GLU A 57 -16.61 -8.14 -5.64
C GLU A 57 -16.73 -7.80 -4.16
N THR A 58 -16.27 -8.73 -3.30
CA THR A 58 -16.31 -8.48 -1.85
C THR A 58 -15.28 -7.45 -1.44
N VAL A 59 -14.10 -7.53 -2.06
CA VAL A 59 -13.09 -6.47 -1.88
C VAL A 59 -13.67 -5.10 -2.20
N ARG A 60 -14.33 -5.01 -3.36
CA ARG A 60 -14.92 -3.73 -3.75
C ARG A 60 -16.00 -3.29 -2.80
N ALA A 61 -16.82 -4.23 -2.30
CA ALA A 61 -17.90 -3.85 -1.40
C ALA A 61 -17.42 -3.30 -0.09
N THR A 62 -16.17 -3.60 0.31
CA THR A 62 -15.65 -2.98 1.51
C THR A 62 -15.25 -1.49 1.33
N GLY A 63 -15.21 -0.99 0.12
CA GLY A 63 -14.80 0.33 -0.25
C GLY A 63 -13.47 0.44 -0.93
N ALA A 64 -12.74 -0.64 -1.16
CA ALA A 64 -11.42 -0.53 -1.76
C ALA A 64 -11.56 -0.03 -3.21
N ASP A 65 -10.67 0.92 -3.57
CA ASP A 65 -10.62 1.51 -4.89
C ASP A 65 -9.49 0.93 -5.75
N ILE A 66 -8.52 0.32 -5.09
CA ILE A 66 -7.30 -0.17 -5.72
C ILE A 66 -6.77 -1.29 -4.87
N ILE A 67 -6.12 -2.28 -5.42
CA ILE A 67 -5.41 -3.35 -4.71
C ILE A 67 -3.98 -3.39 -5.16
N LEU A 68 -3.14 -4.04 -4.34
CA LEU A 68 -1.72 -4.22 -4.60
C LEU A 68 -1.42 -5.65 -5.05
N GLY A 69 -0.64 -5.83 -6.11
CA GLY A 69 -0.09 -7.12 -6.48
C GLY A 69 1.42 -7.22 -6.25
N ASN A 70 1.98 -8.37 -5.86
CA ASN A 70 3.38 -8.56 -5.55
C ASN A 70 4.09 -9.20 -6.75
N THR A 71 4.90 -8.40 -7.44
CA THR A 71 5.71 -8.83 -8.59
C THR A 71 6.53 -10.08 -8.30
N TYR A 72 7.22 -10.10 -7.16
CA TYR A 72 7.99 -11.29 -6.79
C TYR A 72 7.18 -12.58 -6.79
N HIS A 73 6.04 -12.53 -6.10
CA HIS A 73 5.28 -13.77 -5.99
C HIS A 73 4.64 -14.16 -7.33
N LEU A 74 4.10 -13.21 -8.09
CA LEU A 74 3.47 -13.52 -9.37
C LEU A 74 4.46 -14.01 -10.41
N MET A 75 5.70 -13.56 -10.35
CA MET A 75 6.70 -14.01 -11.32
C MET A 75 7.10 -15.44 -11.08
N LEU A 76 6.97 -15.87 -9.82
CA LEU A 76 7.28 -17.25 -9.49
C LEU A 76 6.12 -18.19 -9.75
N ARG A 77 4.90 -17.74 -9.49
CA ARG A 77 3.67 -18.50 -9.61
C ARG A 77 2.50 -17.55 -9.75
N PRO A 78 1.79 -17.59 -10.87
CA PRO A 78 1.87 -18.52 -11.98
C PRO A 78 2.86 -18.19 -13.09
N GLY A 79 3.53 -17.06 -12.95
CA GLY A 79 4.45 -16.55 -13.94
C GLY A 79 3.92 -15.34 -14.70
N ALA A 80 4.81 -14.36 -14.96
CA ALA A 80 4.36 -13.14 -15.60
C ALA A 80 3.99 -13.33 -17.06
N GLU A 81 4.78 -14.04 -17.83
CA GLU A 81 4.47 -14.27 -19.23
C GLU A 81 3.16 -15.07 -19.32
N ARG A 82 2.95 -16.03 -18.43
CA ARG A 82 1.68 -16.77 -18.42
C ARG A 82 0.49 -15.84 -18.18
N ILE A 83 0.59 -15.00 -17.17
CA ILE A 83 -0.54 -14.07 -16.95
C ILE A 83 -0.75 -13.19 -18.15
N ALA A 84 0.28 -12.67 -18.81
CA ALA A 84 0.05 -11.85 -20.00
C ALA A 84 -0.67 -12.62 -21.10
N LYS A 85 -0.27 -13.89 -21.32
CA LYS A 85 -0.90 -14.70 -22.36
C LYS A 85 -2.37 -14.95 -22.05
N LEU A 86 -2.71 -14.98 -20.76
CA LEU A 86 -4.10 -15.16 -20.34
C LEU A 86 -4.89 -13.85 -20.28
N GLY A 87 -4.23 -12.74 -20.63
CA GLY A 87 -4.95 -11.50 -20.75
C GLY A 87 -4.65 -10.45 -19.72
N GLY A 88 -3.67 -10.68 -18.84
CA GLY A 88 -3.29 -9.76 -17.80
C GLY A 88 -3.92 -10.02 -16.48
N LEU A 89 -3.36 -9.42 -15.43
CA LEU A 89 -3.78 -9.71 -14.06
C LEU A 89 -5.24 -9.33 -13.79
N HIS A 90 -5.70 -8.23 -14.34
CA HIS A 90 -7.07 -7.78 -14.09
C HIS A 90 -8.08 -8.84 -14.54
N SER A 91 -7.86 -9.29 -15.78
CA SER A 91 -8.74 -10.31 -16.34
C SER A 91 -8.62 -11.64 -15.61
N PHE A 92 -7.38 -12.02 -15.32
CA PHE A 92 -7.11 -13.33 -14.66
C PHE A 92 -7.84 -13.42 -13.35
N MET A 93 -7.77 -12.36 -12.51
CA MET A 93 -8.32 -12.48 -11.16
C MET A 93 -9.69 -11.86 -11.05
N GLY A 94 -10.19 -11.20 -12.07
CA GLY A 94 -11.49 -10.59 -12.02
C GLY A 94 -11.65 -9.32 -11.20
N TRP A 95 -10.59 -8.51 -11.18
CA TRP A 95 -10.61 -7.16 -10.60
C TRP A 95 -10.36 -6.15 -11.73
N ASP A 96 -11.35 -5.31 -12.01
CA ASP A 96 -11.25 -4.44 -13.18
C ASP A 96 -10.86 -3.00 -12.88
N ARG A 97 -10.61 -2.72 -11.60
CA ARG A 97 -10.20 -1.39 -11.14
C ARG A 97 -8.68 -1.28 -11.09
N PRO A 98 -8.11 -0.13 -10.71
CA PRO A 98 -6.63 -0.04 -10.69
C PRO A 98 -5.99 -1.08 -9.77
N ILE A 99 -4.79 -1.48 -10.21
CA ILE A 99 -3.88 -2.34 -9.48
C ILE A 99 -2.52 -1.65 -9.43
N LEU A 100 -1.93 -1.55 -8.24
CA LEU A 100 -0.54 -1.11 -8.07
C LEU A 100 0.30 -2.38 -7.89
N THR A 101 1.40 -2.47 -8.59
CA THR A 101 2.33 -3.57 -8.35
C THR A 101 3.62 -3.05 -7.72
N ASP A 102 4.10 -3.78 -6.72
CA ASP A 102 5.42 -3.45 -6.22
C ASP A 102 6.47 -3.97 -7.20
N SER A 103 7.71 -3.57 -6.91
N SER A 103 7.75 -3.71 -6.90
CA SER A 103 8.77 -3.81 -7.90
CA SER A 103 8.78 -4.08 -7.87
C SER A 103 9.46 -5.13 -7.63
C SER A 103 9.35 -5.49 -7.78
N GLY A 104 9.42 -5.55 -6.37
N GLY A 104 9.01 -6.30 -6.80
CA GLY A 104 10.09 -6.76 -5.93
CA GLY A 104 9.49 -7.65 -6.56
C GLY A 104 11.30 -6.50 -5.05
C GLY A 104 10.73 -7.76 -5.71
N GLY A 105 11.71 -5.23 -4.92
N GLY A 105 11.50 -6.71 -5.53
CA GLY A 105 12.88 -4.91 -4.10
CA GLY A 105 12.74 -6.73 -4.82
C GLY A 105 12.81 -5.38 -2.67
C GLY A 105 12.68 -6.81 -3.31
N PHE A 106 11.64 -5.40 -2.04
N PHE A 106 11.70 -6.17 -2.68
CA PHE A 106 11.52 -6.01 -0.71
CA PHE A 106 11.63 -6.12 -1.21
C PHE A 106 11.58 -7.53 -0.69
C PHE A 106 11.64 -7.57 -0.73
N GLN A 107 10.78 -8.27 -1.47
CA GLN A 107 10.69 -9.72 -1.28
C GLN A 107 11.98 -10.43 -1.72
N VAL A 108 12.75 -9.95 -2.67
CA VAL A 108 13.98 -10.62 -3.09
C VAL A 108 15.08 -10.46 -2.04
N GLN A 117 23.75 -10.36 -5.90
CA GLN A 117 23.48 -8.93 -6.09
C GLN A 117 24.61 -8.21 -6.79
N SER A 118 24.24 -7.24 -7.63
CA SER A 118 25.21 -6.42 -8.30
C SER A 118 24.54 -5.16 -8.85
N GLU A 119 25.32 -4.34 -9.54
CA GLU A 119 24.77 -3.10 -10.12
C GLU A 119 23.74 -3.37 -11.21
N GLU A 120 23.80 -4.48 -11.92
CA GLU A 120 22.83 -4.90 -12.91
C GLU A 120 21.48 -5.28 -12.33
N GLY A 121 21.45 -5.89 -11.13
CA GLY A 121 20.24 -6.39 -10.47
C GLY A 121 20.53 -7.54 -9.50
N VAL A 122 19.57 -8.44 -9.32
CA VAL A 122 19.79 -9.55 -8.39
C VAL A 122 19.40 -10.86 -9.03
N THR A 123 20.17 -11.93 -8.77
CA THR A 123 19.70 -13.26 -9.15
C THR A 123 19.43 -14.00 -7.84
N PHE A 124 18.47 -14.89 -7.89
CA PHE A 124 18.00 -15.57 -6.67
C PHE A 124 17.33 -16.89 -7.03
N LYS A 125 17.19 -17.78 -6.06
CA LYS A 125 16.39 -18.98 -6.15
C LYS A 125 15.05 -18.82 -5.42
N SER A 126 14.03 -19.38 -6.06
CA SER A 126 12.66 -19.36 -5.57
C SER A 126 12.42 -20.06 -4.24
N MET A 134 15.90 -13.91 -12.10
CA MET A 134 16.55 -12.59 -12.09
C MET A 134 15.57 -11.43 -12.03
N LEU A 135 16.03 -10.38 -11.34
CA LEU A 135 15.30 -9.13 -11.33
C LEU A 135 16.31 -7.98 -11.48
N SER A 136 15.91 -6.96 -12.22
CA SER A 136 16.71 -5.81 -12.54
C SER A 136 15.71 -4.70 -12.73
N PRO A 137 16.12 -3.46 -12.78
CA PRO A 137 15.16 -2.42 -13.11
C PRO A 137 14.39 -2.75 -14.37
N GLU A 138 15.07 -3.22 -15.42
CA GLU A 138 14.41 -3.45 -16.70
C GLU A 138 13.45 -4.62 -16.61
N ARG A 139 13.87 -5.70 -15.99
CA ARG A 139 13.02 -6.89 -15.90
C ARG A 139 11.86 -6.67 -14.95
N SER A 140 12.05 -5.93 -13.88
CA SER A 140 10.93 -5.59 -13.02
C SER A 140 9.86 -4.78 -13.72
N ILE A 141 10.26 -3.76 -14.46
CA ILE A 141 9.32 -2.96 -15.22
C ILE A 141 8.61 -3.80 -16.28
N GLU A 142 9.36 -4.70 -16.91
CA GLU A 142 8.78 -5.59 -17.91
C GLU A 142 7.73 -6.52 -17.29
N ILE A 143 8.04 -7.10 -16.13
CA ILE A 143 7.09 -7.97 -15.44
C ILE A 143 5.84 -7.20 -15.12
N GLN A 144 5.97 -5.97 -14.61
CA GLN A 144 4.80 -5.18 -14.26
C GLN A 144 4.00 -4.84 -15.50
N HIS A 145 4.63 -4.64 -16.62
CA HIS A 145 3.96 -4.48 -17.94
C HIS A 145 3.18 -5.73 -18.32
N LEU A 146 3.82 -6.90 -18.20
CA LEU A 146 3.17 -8.17 -18.54
C LEU A 146 1.95 -8.41 -17.67
N LEU A 147 1.99 -7.98 -16.41
CA LEU A 147 0.86 -8.13 -15.52
C LEU A 147 -0.21 -7.14 -15.89
N GLY A 148 0.12 -6.03 -16.52
CA GLY A 148 -0.85 -4.97 -16.87
C GLY A 148 -1.13 -4.03 -15.74
N SER A 149 -0.19 -3.86 -14.81
CA SER A 149 -0.29 -2.95 -13.68
C SER A 149 -0.66 -1.55 -14.10
N ASP A 150 -1.52 -0.86 -13.31
CA ASP A 150 -1.81 0.55 -13.52
C ASP A 150 -0.81 1.49 -12.88
N ILE A 151 -0.36 1.16 -11.67
CA ILE A 151 0.71 1.91 -11.02
C ILE A 151 1.90 0.98 -10.85
N VAL A 152 2.99 1.32 -11.51
CA VAL A 152 4.22 0.60 -11.54
C VAL A 152 5.21 1.21 -10.59
N MET A 153 5.90 0.40 -9.80
CA MET A 153 6.93 0.89 -8.88
CA MET A 153 6.95 0.90 -8.93
C MET A 153 8.33 0.72 -9.49
N ALA A 154 9.17 1.75 -9.33
CA ALA A 154 10.57 1.60 -9.67
C ALA A 154 11.20 0.49 -8.85
N PHE A 155 12.20 -0.15 -9.45
CA PHE A 155 13.00 -1.18 -8.78
C PHE A 155 14.12 -0.57 -7.95
N ASP A 156 14.10 -0.83 -6.66
CA ASP A 156 15.04 -0.28 -5.69
C ASP A 156 15.86 -1.36 -5.01
N GLU A 157 16.89 -0.91 -4.32
CA GLU A 157 17.62 -1.78 -3.42
C GLU A 157 17.21 -1.45 -1.98
N VAL A 158 16.69 -2.46 -1.28
CA VAL A 158 16.11 -1.95 -0.03
C VAL A 158 17.13 -2.13 1.08
N THR A 159 17.28 -1.07 1.81
CA THR A 159 18.35 -0.98 2.76
C THR A 159 17.93 -1.66 4.05
N PRO A 160 18.66 -2.65 4.56
CA PRO A 160 18.31 -3.18 5.87
C PRO A 160 18.31 -2.11 6.96
N TYR A 161 17.57 -2.35 8.02
CA TYR A 161 17.57 -1.51 9.20
C TYR A 161 18.12 -2.30 10.41
N PRO A 162 19.06 -1.75 11.18
CA PRO A 162 19.64 -0.44 10.95
C PRO A 162 20.74 -0.52 9.89
N ALA A 163 21.17 0.68 9.44
CA ALA A 163 22.18 0.77 8.41
C ALA A 163 23.17 1.84 8.84
N THR A 164 24.45 1.56 8.59
CA THR A 164 25.39 2.64 8.81
C THR A 164 25.17 3.73 7.76
N PRO A 165 25.58 4.95 8.07
CA PRO A 165 25.47 6.03 7.08
C PRO A 165 26.13 5.68 5.75
N SER A 166 27.30 5.03 5.74
CA SER A 166 28.04 4.73 4.51
C SER A 166 27.26 3.79 3.59
N ARG A 167 26.74 2.69 4.09
CA ARG A 167 25.94 1.64 3.55
C ARG A 167 24.59 2.23 3.11
N ALA A 168 23.95 3.03 3.97
CA ALA A 168 22.68 3.66 3.57
C ALA A 168 22.94 4.56 2.35
N ALA A 169 24.04 5.28 2.31
CA ALA A 169 24.35 6.19 1.23
C ALA A 169 24.60 5.40 -0.06
N SER A 170 25.49 4.41 0.01
CA SER A 170 25.81 3.59 -1.15
C SER A 170 24.55 2.97 -1.73
N SER A 171 23.71 2.47 -0.83
CA SER A 171 22.48 1.84 -1.22
C SER A 171 21.46 2.79 -1.85
N MET A 172 21.28 3.97 -1.26
CA MET A 172 20.42 4.99 -1.81
C MET A 172 20.91 5.39 -3.19
N GLU A 173 22.21 5.56 -3.36
CA GLU A 173 22.76 5.99 -4.67
C GLU A 173 22.48 4.97 -5.77
N ARG A 174 22.63 3.68 -5.42
CA ARG A 174 22.28 2.61 -6.37
C ARG A 174 20.79 2.73 -6.68
N SER A 175 19.96 2.90 -5.67
CA SER A 175 18.54 3.00 -5.94
C SER A 175 18.22 4.17 -6.84
N MET A 176 18.93 5.29 -6.74
CA MET A 176 18.61 6.40 -7.64
C MET A 176 19.09 6.09 -9.04
N ARG A 177 20.23 5.41 -9.21
CA ARG A 177 20.61 4.93 -10.56
C ARG A 177 19.53 3.99 -11.13
N TRP A 178 19.07 3.08 -10.28
CA TRP A 178 17.99 2.16 -10.70
C TRP A 178 16.68 2.87 -10.96
N ALA A 179 16.41 3.97 -10.28
CA ALA A 179 15.19 4.75 -10.56
C ALA A 179 15.20 5.35 -11.96
N LYS A 180 16.35 5.88 -12.35
CA LYS A 180 16.51 6.37 -13.73
C LYS A 180 16.37 5.23 -14.73
N ARG A 181 16.99 4.06 -14.46
CA ARG A 181 16.83 2.94 -15.37
C ARG A 181 15.36 2.50 -15.43
N SER A 182 14.64 2.56 -14.31
CA SER A 182 13.22 2.22 -14.29
C SER A 182 12.39 3.16 -15.14
N ARG A 183 12.66 4.45 -14.99
CA ARG A 183 12.00 5.49 -15.74
C ARG A 183 12.19 5.26 -17.23
N ASP A 184 13.45 4.99 -17.65
CA ASP A 184 13.79 4.82 -19.06
C ASP A 184 13.14 3.55 -19.63
N ALA A 185 13.10 2.47 -18.88
CA ALA A 185 12.45 1.22 -19.24
C ALA A 185 10.96 1.43 -19.47
N PHE A 186 10.33 2.08 -18.51
CA PHE A 186 8.87 2.34 -18.62
C PHE A 186 8.57 3.19 -19.82
N ASP A 187 9.36 4.25 -20.00
CA ASP A 187 9.08 5.17 -21.10
C ASP A 187 9.31 4.56 -22.47
N SER A 188 10.16 3.56 -22.56
CA SER A 188 10.52 2.89 -23.80
C SER A 188 9.42 1.97 -24.28
N ARG A 189 8.42 1.70 -23.45
CA ARG A 189 7.31 0.86 -23.73
C ARG A 189 6.04 1.68 -23.92
N LYS A 190 5.71 1.96 -25.18
CA LYS A 190 4.70 2.99 -25.43
C LYS A 190 3.35 2.66 -24.80
N GLU A 191 2.90 1.43 -24.88
CA GLU A 191 1.62 1.06 -24.29
C GLU A 191 1.61 1.27 -22.80
N GLN A 192 2.73 0.95 -22.13
CA GLN A 192 2.87 1.17 -20.69
C GLN A 192 2.93 2.66 -20.37
N ALA A 193 3.77 3.40 -21.06
CA ALA A 193 3.88 4.85 -20.90
C ALA A 193 2.56 5.57 -21.09
N GLU A 194 1.75 5.14 -22.03
CA GLU A 194 0.47 5.77 -22.31
C GLU A 194 -0.66 5.41 -21.35
N ASN A 195 -0.59 4.25 -20.69
CA ASN A 195 -1.72 3.76 -19.93
C ASN A 195 -1.49 3.57 -18.43
N ALA A 196 -0.26 3.53 -17.98
CA ALA A 196 0.11 3.30 -16.60
C ALA A 196 0.83 4.51 -16.05
N ALA A 197 1.04 4.50 -14.74
CA ALA A 197 1.79 5.51 -14.00
C ALA A 197 3.02 4.84 -13.39
N LEU A 198 4.06 5.64 -13.12
CA LEU A 198 5.30 5.17 -12.53
C LEU A 198 5.60 5.92 -11.25
N PHE A 199 5.81 5.22 -10.15
CA PHE A 199 6.20 5.85 -8.89
C PHE A 199 7.67 5.60 -8.58
N GLY A 200 8.37 6.60 -8.09
CA GLY A 200 9.75 6.46 -7.60
C GLY A 200 9.77 6.19 -6.10
N ILE A 201 10.83 5.61 -5.57
CA ILE A 201 10.95 5.23 -4.17
C ILE A 201 12.17 5.92 -3.52
N GLN A 202 11.83 6.76 -2.54
CA GLN A 202 12.84 7.39 -1.72
C GLN A 202 13.47 6.41 -0.75
N GLN A 203 14.75 6.32 -0.55
CA GLN A 203 15.60 5.60 0.28
C GLN A 203 16.43 6.58 1.11
N GLY A 204 17.41 6.05 1.85
CA GLY A 204 18.20 6.86 2.73
C GLY A 204 18.16 6.51 4.19
N SER A 205 17.47 5.41 4.51
CA SER A 205 17.42 4.91 5.88
C SER A 205 16.84 6.01 6.74
N VAL A 206 17.42 6.30 7.91
CA VAL A 206 16.85 7.28 8.83
C VAL A 206 17.60 8.60 8.77
N PHE A 207 18.41 8.78 7.75
CA PHE A 207 19.32 9.95 7.68
C PHE A 207 18.76 11.06 6.81
N GLU A 208 18.57 12.25 7.42
CA GLU A 208 17.96 13.38 6.76
C GLU A 208 18.71 13.77 5.50
N ASN A 209 20.02 13.89 5.49
CA ASN A 209 20.72 14.33 4.30
C ASN A 209 20.55 13.34 3.15
N LEU A 210 20.50 12.04 3.46
CA LEU A 210 20.36 11.02 2.41
C LEU A 210 18.94 11.01 1.86
N ARG A 211 17.98 11.20 2.77
CA ARG A 211 16.60 11.32 2.28
C ARG A 211 16.44 12.53 1.39
N GLN A 212 17.10 13.67 1.71
CA GLN A 212 17.05 14.84 0.87
C GLN A 212 17.69 14.58 -0.51
N GLN A 213 18.90 14.00 -0.50
CA GLN A 213 19.54 13.64 -1.75
C GLN A 213 18.65 12.75 -2.62
N SER A 214 18.00 11.78 -1.97
CA SER A 214 17.14 10.89 -2.70
C SER A 214 15.91 11.60 -3.27
N ALA A 215 15.26 12.40 -2.50
CA ALA A 215 14.12 13.19 -2.97
C ALA A 215 14.49 14.06 -4.17
N ASP A 216 15.63 14.73 -4.06
CA ASP A 216 16.13 15.58 -5.14
C ASP A 216 16.36 14.78 -6.42
N ALA A 217 17.01 13.62 -6.28
CA ALA A 217 17.28 12.80 -7.44
C ALA A 217 15.98 12.36 -8.11
N LEU A 218 15.00 11.92 -7.29
CA LEU A 218 13.76 11.42 -7.86
C LEU A 218 12.98 12.53 -8.57
N ALA A 219 13.01 13.71 -7.94
CA ALA A 219 12.27 14.83 -8.54
C ALA A 219 12.92 15.27 -9.84
N GLU A 220 14.23 15.18 -9.96
CA GLU A 220 14.95 15.52 -11.18
C GLU A 220 14.59 14.54 -12.29
N ILE A 221 14.42 13.26 -11.93
CA ILE A 221 14.01 12.27 -12.95
C ILE A 221 12.55 12.50 -13.29
N GLY A 222 11.72 12.72 -12.29
CA GLY A 222 10.29 12.98 -12.46
C GLY A 222 9.47 11.70 -12.50
N PHE A 223 8.51 11.59 -11.61
CA PHE A 223 7.61 10.47 -11.45
C PHE A 223 6.19 10.97 -11.26
N ASP A 224 5.24 10.02 -11.37
CA ASP A 224 3.84 10.38 -11.20
C ASP A 224 3.49 10.39 -9.71
N GLY A 225 4.30 9.72 -8.87
CA GLY A 225 4.07 9.64 -7.46
C GLY A 225 5.38 9.19 -6.80
N TYR A 226 5.43 9.36 -5.47
CA TYR A 226 6.66 9.18 -4.72
C TYR A 226 6.39 8.35 -3.47
N ALA A 227 7.06 7.24 -3.35
CA ALA A 227 6.95 6.40 -2.16
C ALA A 227 8.08 6.67 -1.21
N VAL A 228 7.77 6.52 0.07
CA VAL A 228 8.81 6.53 1.07
C VAL A 228 9.12 5.07 1.34
N GLY A 229 10.29 4.62 0.91
CA GLY A 229 10.70 3.25 1.18
C GLY A 229 11.58 3.13 2.40
N GLY A 230 11.86 1.87 2.74
CA GLY A 230 12.83 1.60 3.77
C GLY A 230 12.39 1.77 5.21
N LEU A 231 11.12 2.05 5.48
CA LEU A 231 10.63 2.28 6.85
C LEU A 231 9.72 1.10 7.19
N SER A 232 9.28 0.93 8.42
CA SER A 232 8.51 -0.27 8.80
C SER A 232 9.40 -1.50 8.88
N GLU A 235 12.24 -0.84 13.91
CA GLU A 235 12.73 0.54 14.12
C GLU A 235 11.96 1.26 15.23
N GLY A 236 10.64 1.23 15.17
CA GLY A 236 9.53 1.66 15.97
C GLY A 236 8.78 2.87 15.47
N GLN A 237 7.56 3.08 15.99
CA GLN A 237 6.73 4.16 15.49
C GLN A 237 7.35 5.53 15.72
N ASP A 238 7.92 5.79 16.88
CA ASP A 238 8.47 7.11 17.17
C ASP A 238 9.53 7.41 16.10
N GLU A 239 10.37 6.41 15.86
CA GLU A 239 11.46 6.63 14.89
C GLU A 239 10.89 6.78 13.47
N MET A 240 9.92 5.95 13.13
CA MET A 240 9.34 6.14 11.80
C MET A 240 8.75 7.54 11.63
N PHE A 241 7.98 7.96 12.66
CA PHE A 241 7.36 9.28 12.58
C PHE A 241 8.41 10.40 12.53
N ARG A 242 9.52 10.28 13.25
CA ARG A 242 10.56 11.30 13.16
C ARG A 242 11.13 11.40 11.74
N VAL A 243 11.33 10.26 11.10
CA VAL A 243 11.87 10.24 9.74
C VAL A 243 10.83 10.80 8.81
N LEU A 244 9.57 10.46 8.96
CA LEU A 244 8.53 11.05 8.11
C LEU A 244 8.41 12.56 8.27
N ASP A 245 8.64 13.04 9.50
CA ASP A 245 8.55 14.50 9.78
C ASP A 245 9.41 15.28 8.80
N PHE A 246 10.65 14.83 8.57
CA PHE A 246 11.48 15.61 7.62
C PHE A 246 11.42 15.01 6.21
N SER A 247 11.06 13.75 5.97
CA SER A 247 11.20 13.15 4.66
C SER A 247 10.03 13.49 3.74
N VAL A 248 8.80 13.51 4.24
CA VAL A 248 7.68 13.75 3.32
C VAL A 248 7.70 15.16 2.77
N PRO A 249 8.01 16.21 3.52
CA PRO A 249 8.07 17.55 2.91
C PRO A 249 9.11 17.67 1.80
N MET A 250 10.05 16.75 1.70
CA MET A 250 11.05 16.80 0.64
C MET A 250 10.54 16.39 -0.72
N LEU A 251 9.46 15.63 -0.74
CA LEU A 251 8.89 15.08 -1.96
C LEU A 251 8.00 16.12 -2.63
N PRO A 252 7.82 16.08 -3.95
CA PRO A 252 6.92 17.05 -4.56
C PRO A 252 5.54 17.07 -3.95
N ASP A 253 5.05 18.24 -3.59
CA ASP A 253 3.78 18.37 -2.89
C ASP A 253 2.60 17.93 -3.74
N ASP A 254 2.66 18.14 -5.04
CA ASP A 254 1.57 17.98 -5.97
C ASP A 254 1.42 16.57 -6.49
N LYS A 255 2.17 15.61 -5.98
CA LYS A 255 2.05 14.22 -6.36
C LYS A 255 1.74 13.36 -5.15
N PRO A 256 1.14 12.17 -5.33
CA PRO A 256 0.84 11.29 -4.22
C PRO A 256 2.11 10.82 -3.51
N HIS A 257 1.96 10.61 -2.19
CA HIS A 257 3.00 10.15 -1.29
C HIS A 257 2.59 8.78 -0.72
N TYR A 258 3.32 7.72 -0.99
CA TYR A 258 2.98 6.36 -0.66
C TYR A 258 3.98 5.83 0.37
N LEU A 259 3.45 5.49 1.55
CA LEU A 259 4.31 4.83 2.54
C LEU A 259 4.19 3.32 2.45
N MET A 260 5.28 2.72 2.01
CA MET A 260 5.24 1.30 1.75
C MET A 260 5.36 0.46 3.02
N GLY A 261 4.57 -0.58 3.16
CA GLY A 261 4.81 -1.57 4.20
C GLY A 261 4.32 -1.16 5.57
N VAL A 262 3.40 -0.21 5.67
CA VAL A 262 3.00 0.33 6.97
C VAL A 262 1.49 0.27 7.08
N GLY A 263 1.04 -0.59 8.00
CA GLY A 263 -0.38 -0.75 7.99
C GLY A 263 -1.07 -0.77 9.33
N LYS A 264 -0.47 -0.61 10.50
CA LYS A 264 -1.29 -0.56 11.71
C LYS A 264 -2.20 0.67 11.72
N PRO A 265 -3.42 0.64 12.23
CA PRO A 265 -4.32 1.82 12.22
C PRO A 265 -3.69 3.07 12.78
N ASP A 266 -3.01 3.02 13.93
CA ASP A 266 -2.35 4.15 14.56
CA ASP A 266 -2.44 4.25 14.50
C ASP A 266 -1.25 4.72 13.67
N ASP A 267 -0.56 3.78 13.00
CA ASP A 267 0.55 4.21 12.12
C ASP A 267 -0.03 4.99 10.92
N ILE A 268 -1.15 4.52 10.42
CA ILE A 268 -1.82 5.21 9.30
C ILE A 268 -2.26 6.59 9.68
N VAL A 269 -2.95 6.74 10.82
CA VAL A 269 -3.39 8.03 11.27
C VAL A 269 -2.22 9.00 11.38
N GLY A 270 -1.15 8.59 12.07
CA GLY A 270 -0.01 9.52 12.19
C GLY A 270 0.74 9.77 10.92
N ALA A 271 0.79 8.80 10.00
CA ALA A 271 1.41 9.03 8.71
C ALA A 271 0.61 9.99 7.86
N VAL A 272 -0.72 9.93 7.93
CA VAL A 272 -1.55 10.89 7.20
C VAL A 272 -1.28 12.30 7.78
N GLU A 273 -1.16 12.46 9.10
CA GLU A 273 -0.87 13.69 9.77
C GLU A 273 0.48 14.27 9.28
N ARG A 274 1.33 13.41 8.69
CA ARG A 274 2.65 13.82 8.19
C ARG A 274 2.68 13.88 6.68
N GLY A 275 1.54 13.76 6.02
CA GLY A 275 1.48 13.99 4.59
C GLY A 275 1.44 12.78 3.67
N ILE A 276 1.18 11.59 4.24
CA ILE A 276 1.06 10.40 3.38
C ILE A 276 -0.35 10.21 2.85
N ASP A 277 -0.42 9.78 1.59
CA ASP A 277 -1.67 9.59 0.85
C ASP A 277 -2.04 8.14 0.59
N MET A 278 -1.12 7.20 0.65
CA MET A 278 -1.39 5.83 0.26
C MET A 278 -0.67 4.85 1.16
N PHE A 279 -1.31 3.74 1.46
CA PHE A 279 -0.87 2.68 2.31
C PHE A 279 -1.19 1.29 1.78
N ASP A 280 -0.39 0.31 2.18
CA ASP A 280 -0.72 -1.06 1.86
C ASP A 280 -0.84 -1.91 3.12
N CYS A 281 -1.45 -3.04 2.92
CA CYS A 281 -1.90 -3.97 3.91
C CYS A 281 -0.77 -4.85 4.43
N GLY A 291 -6.46 -14.70 14.01
CA GLY A 291 -7.44 -14.40 15.05
C GLY A 291 -7.60 -12.93 15.36
N GLN A 292 -6.74 -12.03 14.86
CA GLN A 292 -6.86 -10.62 15.23
C GLN A 292 -7.95 -9.87 14.45
N ALA A 293 -8.89 -9.24 15.16
CA ALA A 293 -9.93 -8.42 14.57
C ALA A 293 -9.81 -6.97 15.04
N PHE A 294 -9.87 -6.04 14.09
CA PHE A 294 -9.80 -4.63 14.47
C PHE A 294 -11.14 -4.11 14.95
N THR A 295 -11.08 -3.32 16.03
CA THR A 295 -12.26 -2.62 16.50
C THR A 295 -11.84 -1.19 16.84
N TRP A 296 -12.83 -0.31 16.99
CA TRP A 296 -12.54 1.07 17.36
C TRP A 296 -12.07 1.22 18.79
N ASP A 297 -12.29 0.22 19.62
CA ASP A 297 -11.64 0.12 20.94
C ASP A 297 -10.32 -0.63 20.96
N GLY A 298 -9.72 -0.93 19.81
CA GLY A 298 -8.48 -1.67 19.74
C GLY A 298 -8.69 -3.07 19.19
N PRO A 299 -7.59 -3.73 18.86
CA PRO A 299 -7.69 -5.09 18.32
C PRO A 299 -8.09 -6.05 19.42
N ILE A 300 -8.80 -7.09 19.02
CA ILE A 300 -9.13 -8.23 19.88
C ILE A 300 -8.62 -9.49 19.23
N ASN A 301 -8.29 -10.55 19.97
CA ASN A 301 -7.99 -11.84 19.34
C ASN A 301 -9.21 -12.73 19.59
N ILE A 302 -9.92 -12.96 18.50
CA ILE A 302 -11.19 -13.65 18.58
C ILE A 302 -11.10 -15.05 19.08
N ARG A 303 -9.92 -15.66 19.02
CA ARG A 303 -9.74 -16.97 19.59
C ARG A 303 -9.80 -16.98 21.11
N ASN A 304 -9.67 -15.88 21.78
CA ASN A 304 -9.70 -15.89 23.25
C ASN A 304 -11.00 -16.44 23.79
N ALA A 305 -10.93 -17.25 24.83
CA ALA A 305 -12.11 -17.94 25.38
C ALA A 305 -13.17 -16.94 25.82
N ARG A 306 -12.81 -15.67 26.08
CA ARG A 306 -13.84 -14.72 26.55
C ARG A 306 -14.88 -14.49 25.47
N PHE A 307 -14.62 -14.87 24.23
CA PHE A 307 -15.55 -14.58 23.11
C PHE A 307 -16.43 -15.78 22.79
N SER A 308 -16.27 -16.86 23.53
CA SER A 308 -16.96 -18.10 23.11
C SER A 308 -18.47 -18.04 23.18
N GLU A 309 -19.06 -17.14 23.96
CA GLU A 309 -20.53 -17.02 24.10
C GLU A 309 -20.94 -15.56 23.90
N ASP A 310 -20.07 -14.75 23.28
CA ASP A 310 -20.32 -13.35 23.02
C ASP A 310 -21.10 -13.17 21.73
N LEU A 311 -22.35 -12.74 21.89
CA LEU A 311 -23.27 -12.61 20.77
C LEU A 311 -23.17 -11.28 20.06
N LYS A 312 -22.34 -10.37 20.54
CA LYS A 312 -22.11 -9.10 19.86
C LYS A 312 -21.35 -9.30 18.55
N PRO A 313 -21.49 -8.39 17.59
CA PRO A 313 -20.67 -8.44 16.38
C PRO A 313 -19.22 -8.11 16.72
N LEU A 314 -18.29 -8.35 15.79
CA LEU A 314 -16.88 -8.04 16.04
C LEU A 314 -16.66 -6.62 16.53
N ASP A 315 -17.26 -5.64 15.86
CA ASP A 315 -17.24 -4.26 16.33
C ASP A 315 -18.65 -3.67 16.34
N SER A 316 -18.94 -2.86 17.35
CA SER A 316 -20.23 -2.33 17.70
C SER A 316 -20.78 -1.34 16.68
N GLU A 317 -19.87 -0.72 15.92
CA GLU A 317 -20.31 0.35 15.02
C GLU A 317 -20.08 0.01 13.54
N CYS A 318 -19.28 -0.99 13.27
CA CYS A 318 -18.89 -1.38 11.93
C CYS A 318 -20.11 -1.68 11.06
N HIS A 319 -20.08 -1.14 9.84
CA HIS A 319 -21.17 -1.31 8.89
C HIS A 319 -21.01 -2.52 7.97
N CYS A 320 -19.98 -3.36 8.19
CA CYS A 320 -19.75 -4.47 7.26
C CYS A 320 -20.76 -5.60 7.40
N ALA A 321 -20.78 -6.37 6.31
CA ALA A 321 -21.74 -7.45 6.21
C ALA A 321 -21.52 -8.49 7.30
N VAL A 322 -20.26 -8.67 7.72
CA VAL A 322 -20.01 -9.68 8.76
C VAL A 322 -20.63 -9.24 10.09
N CYS A 323 -20.48 -7.96 10.41
CA CYS A 323 -21.00 -7.42 11.70
C CYS A 323 -22.50 -7.30 11.67
N GLN A 324 -23.08 -7.26 10.48
CA GLN A 324 -24.53 -7.27 10.37
C GLN A 324 -25.11 -8.66 10.63
N LYS A 325 -24.40 -9.75 10.39
CA LYS A 325 -24.98 -11.08 10.30
C LYS A 325 -24.43 -12.14 11.24
N TRP A 326 -23.22 -11.97 11.80
CA TRP A 326 -22.60 -13.04 12.59
C TRP A 326 -22.01 -12.51 13.90
N SER A 327 -22.03 -13.32 14.93
CA SER A 327 -21.49 -13.00 16.24
C SER A 327 -20.01 -13.31 16.40
N ARG A 328 -19.43 -12.63 17.38
CA ARG A 328 -18.12 -13.01 17.87
C ARG A 328 -18.04 -14.49 18.22
N ALA A 329 -19.05 -15.04 18.87
CA ALA A 329 -19.07 -16.44 19.29
C ALA A 329 -18.93 -17.34 18.07
N TYR A 330 -19.64 -17.10 16.98
CA TYR A 330 -19.56 -17.93 15.80
C TYR A 330 -18.19 -17.83 15.18
N ILE A 331 -17.68 -16.59 15.04
CA ILE A 331 -16.38 -16.46 14.38
C ILE A 331 -15.28 -17.09 15.23
N HIS A 332 -15.36 -16.96 16.54
CA HIS A 332 -14.50 -17.65 17.51
C HIS A 332 -14.45 -19.14 17.22
N HIS A 333 -15.63 -19.74 17.16
CA HIS A 333 -15.75 -21.16 16.83
C HIS A 333 -15.08 -21.47 15.50
N LEU A 334 -15.36 -20.68 14.46
CA LEU A 334 -14.86 -21.00 13.14
C LEU A 334 -13.32 -20.96 13.12
N ILE A 335 -12.73 -19.93 13.72
CA ILE A 335 -11.27 -19.80 13.69
C ILE A 335 -10.63 -20.91 14.51
N ARG A 336 -11.19 -21.23 15.67
CA ARG A 336 -10.65 -22.34 16.46
C ARG A 336 -10.79 -23.69 15.80
N ALA A 337 -11.81 -23.83 14.96
CA ALA A 337 -12.01 -25.08 14.23
C ALA A 337 -11.23 -25.16 12.93
N GLY A 338 -10.49 -24.10 12.59
CA GLY A 338 -9.76 -24.07 11.33
C GLY A 338 -10.61 -23.96 10.11
N GLU A 339 -11.84 -23.48 10.22
CA GLU A 339 -12.72 -23.42 9.07
C GLU A 339 -12.45 -22.23 8.15
N ILE A 340 -12.54 -22.50 6.84
CA ILE A 340 -12.26 -21.46 5.85
C ILE A 340 -13.20 -20.29 6.02
N LEU A 341 -14.46 -20.54 6.35
CA LEU A 341 -15.36 -19.42 6.53
C LEU A 341 -14.89 -18.45 7.61
N GLY A 342 -14.19 -18.95 8.64
CA GLY A 342 -13.66 -18.01 9.64
C GLY A 342 -12.66 -17.02 9.05
N ALA A 343 -11.75 -17.53 8.20
CA ALA A 343 -10.81 -16.65 7.52
C ALA A 343 -11.55 -15.66 6.65
N MET A 344 -12.57 -16.12 5.92
CA MET A 344 -13.34 -15.27 5.04
C MET A 344 -13.98 -14.12 5.81
N LEU A 345 -14.60 -14.44 6.94
CA LEU A 345 -15.35 -13.42 7.69
C LEU A 345 -14.43 -12.46 8.40
N MET A 346 -13.33 -13.00 8.98
CA MET A 346 -12.36 -12.11 9.60
C MET A 346 -11.71 -11.16 8.60
N THR A 347 -11.37 -11.67 7.40
CA THR A 347 -10.68 -10.80 6.44
C THR A 347 -11.65 -9.75 5.94
N GLU A 348 -12.89 -10.12 5.62
CA GLU A 348 -13.82 -9.09 5.14
C GLU A 348 -14.03 -8.03 6.19
N HIS A 349 -14.21 -8.42 7.44
CA HIS A 349 -14.37 -7.40 8.49
C HIS A 349 -13.14 -6.52 8.55
N ASN A 350 -11.93 -7.11 8.59
CA ASN A 350 -10.76 -6.29 8.78
C ASN A 350 -10.52 -5.30 7.64
N ILE A 351 -10.74 -5.80 6.42
CA ILE A 351 -10.58 -4.88 5.30
C ILE A 351 -11.63 -3.79 5.37
N ALA A 352 -12.86 -4.16 5.72
CA ALA A 352 -13.91 -3.15 5.82
C ALA A 352 -13.62 -2.13 6.92
N PHE A 353 -13.06 -2.58 8.04
CA PHE A 353 -12.64 -1.66 9.10
C PHE A 353 -11.63 -0.68 8.54
N TYR A 354 -10.57 -1.17 7.87
CA TYR A 354 -9.56 -0.29 7.27
C TYR A 354 -10.19 0.72 6.33
N GLN A 355 -11.14 0.29 5.48
CA GLN A 355 -11.73 1.22 4.55
C GLN A 355 -12.58 2.22 5.30
N GLN A 356 -13.28 1.85 6.38
CA GLN A 356 -14.02 2.79 7.22
C GLN A 356 -13.08 3.79 7.88
N LEU A 357 -11.94 3.33 8.33
CA LEU A 357 -10.92 4.23 8.87
C LEU A 357 -10.54 5.26 7.81
N MET A 358 -10.25 4.80 6.58
CA MET A 358 -9.82 5.73 5.53
C MET A 358 -10.94 6.71 5.21
N GLN A 359 -12.17 6.22 5.19
CA GLN A 359 -13.26 7.15 4.93
C GLN A 359 -13.40 8.22 6.00
N LYS A 360 -13.26 7.79 7.26
CA LYS A 360 -13.31 8.76 8.36
C LYS A 360 -12.17 9.75 8.27
N ILE A 361 -11.01 9.31 7.84
CA ILE A 361 -9.89 10.22 7.63
C ILE A 361 -10.19 11.22 6.55
N ARG A 362 -10.64 10.73 5.38
CA ARG A 362 -10.94 11.61 4.27
C ARG A 362 -12.00 12.64 4.62
N ASP A 363 -13.09 12.19 5.24
CA ASP A 363 -14.14 13.14 5.60
C ASP A 363 -13.68 14.17 6.64
N SER A 364 -12.85 13.74 7.58
CA SER A 364 -12.42 14.66 8.62
C SER A 364 -11.47 15.70 8.03
N ILE A 365 -10.60 15.31 7.10
CA ILE A 365 -9.71 16.29 6.46
C ILE A 365 -10.52 17.27 5.63
N SER A 366 -11.46 16.71 4.84
CA SER A 366 -12.38 17.51 4.04
CA SER A 366 -12.28 17.61 4.03
C SER A 366 -13.11 18.59 4.88
N GLU A 367 -13.49 18.20 6.07
CA GLU A 367 -14.29 19.01 6.99
C GLU A 367 -13.46 19.81 7.96
N GLY A 368 -12.14 19.77 7.85
CA GLY A 368 -11.25 20.53 8.69
C GLY A 368 -11.28 20.15 10.16
N ARG A 369 -11.48 18.86 10.44
CA ARG A 369 -11.58 18.37 11.81
C ARG A 369 -10.77 17.09 11.96
N PHE A 370 -9.72 16.92 11.13
CA PHE A 370 -8.85 15.76 11.22
C PHE A 370 -8.03 15.73 12.51
N SER A 371 -7.51 16.85 13.01
CA SER A 371 -6.81 16.86 14.29
C SER A 371 -7.65 16.27 15.41
N GLN A 372 -8.91 16.72 15.47
CA GLN A 372 -9.85 16.22 16.45
C GLN A 372 -10.13 14.73 16.26
N PHE A 373 -10.32 14.33 15.00
CA PHE A 373 -10.52 12.88 14.73
C PHE A 373 -9.36 12.04 15.25
N ALA A 374 -8.13 12.46 14.93
CA ALA A 374 -6.95 11.71 15.35
C ALA A 374 -6.90 11.58 16.88
N GLN A 375 -7.12 12.70 17.55
CA GLN A 375 -7.19 12.64 19.01
C GLN A 375 -8.28 11.71 19.53
N ASP A 376 -9.50 11.81 19.02
CA ASP A 376 -10.59 10.93 19.43
C ASP A 376 -10.30 9.47 19.09
N PHE A 377 -9.74 9.24 17.88
CA PHE A 377 -9.42 7.87 17.54
C PHE A 377 -8.47 7.23 18.53
N ARG A 378 -7.37 7.92 18.81
CA ARG A 378 -6.43 7.36 19.77
C ARG A 378 -6.99 7.21 21.16
N ALA A 379 -7.73 8.20 21.66
CA ALA A 379 -8.17 8.03 23.05
C ALA A 379 -9.04 6.80 23.21
N ARG A 380 -9.74 6.42 22.13
CA ARG A 380 -10.57 5.21 22.29
C ARG A 380 -9.87 3.91 21.94
N TYR A 381 -9.06 3.98 20.90
CA TYR A 381 -8.41 2.77 20.36
C TYR A 381 -7.46 2.23 21.41
N PHE A 382 -6.93 3.17 22.20
CA PHE A 382 -5.99 2.81 23.23
C PHE A 382 -6.56 2.99 24.62
N ALA A 383 -7.88 3.09 24.75
CA ALA A 383 -8.44 3.42 26.07
C ALA A 383 -8.00 2.41 27.12
ZN ZN B . -17.38 -5.53 10.62
C2 BPQ C . 9.95 -1.74 -2.18
N1 BPQ C . 10.75 -0.98 -1.45
C6 BPQ C . 10.61 -0.78 -0.15
O6 BPQ C . 11.39 -0.07 0.50
C5 BPQ C . 9.48 -1.49 0.48
C7 BPQ C . 8.88 -1.63 1.81
C10 BPQ C . 9.31 -1.01 3.11
N11 BPQ C . 10.68 -1.32 3.50
C8 BPQ C . 7.82 -2.46 1.66
N9 BPQ C . 7.75 -2.79 0.39
C4 BPQ C . 8.71 -2.23 -0.28
N3 BPQ C . 8.96 -2.38 -1.70
N2 BPQ C . 10.20 -1.86 -3.46
C14 BPQ C . 11.02 -1.72 4.74
O15 BPQ C . 10.23 -1.80 5.67
C20 BPQ C . 12.49 -1.65 7.30
C17 BPQ C . 12.86 -2.53 6.06
C19 BPQ C . 14.40 -2.42 5.86
C18 BPQ C . 12.48 -4.02 6.32
O16 BPQ C . 12.32 -2.02 4.83
C1 GOL D . -13.08 -17.70 29.17
O1 GOL D . -13.82 -18.27 30.25
C2 GOL D . -12.26 -16.50 29.60
O2 GOL D . -13.16 -15.39 29.72
C3 GOL D . -11.19 -16.19 28.55
O3 GOL D . -10.39 -15.07 28.94
C1 GOL E . -14.08 -4.02 -9.33
O1 GOL E . -15.01 -3.01 -9.72
C2 GOL E . -14.66 -5.36 -9.78
O2 GOL E . -13.79 -6.04 -10.68
C3 GOL E . -14.98 -6.18 -8.55
O3 GOL E . -15.81 -7.29 -8.91
C1 GOL F . 6.09 18.92 -12.65
O1 GOL F . 5.37 18.73 -13.88
C2 GOL F . 5.44 18.13 -11.53
O2 GOL F . 4.04 18.44 -11.43
C3 GOL F . 6.10 18.46 -10.19
O3 GOL F . 5.80 17.43 -9.25
#